data_3KPV
#
_entry.id   3KPV
#
_cell.length_a   94.178
_cell.length_b   94.178
_cell.length_c   188.801
_cell.angle_alpha   90.000
_cell.angle_beta   90.000
_cell.angle_gamma   90.000
#
_symmetry.space_group_name_H-M   'P 43 21 2'
#
loop_
_entity.id
_entity.type
_entity.pdbx_description
1 polymer 'Phenylethanolamine N-methyltransferase'
2 non-polymer S-ADENOSYL-L-HOMOCYSTEINE
3 non-polymer ADENINE
4 water water
#
_entity_poly.entity_id   1
_entity_poly.type   'polypeptide(L)'
_entity_poly.pdbx_seq_one_letter_code
;MSGADRSPNAGAAPDSAPGQAAVASAYQRFEPRAYLRNNYAPPRGDLCNPNGVGPWKLRCLAQTFATGEVSGRTLIDIGS
GPTVYQLLSACSHFEDITMTDFLEVNRQELGRWLQEEPGAFNWSMYSQHACLIEGKGECWQDKERQLRARVKRVLPIDVH
QPQPLGAGSPAPLPADALVSAFCLEAVSPDLASFQRALDHITTLLRPGGHLLLIGALEESWYLAGEARLTVVPVSEEEVR
EALVRSGYKVRDLRTYIMPAHLQTGVDDVKGVFFAWAQKVGLEHHHHHH
;
_entity_poly.pdbx_strand_id   A,B
#
loop_
_chem_comp.id
_chem_comp.type
_chem_comp.name
_chem_comp.formula
ADE non-polymer ADENINE 'C5 H5 N5'
SAH non-polymer S-ADENOSYL-L-HOMOCYSTEINE 'C14 H20 N6 O5 S'
#
# COMPACT_ATOMS: atom_id res chain seq x y z
N ALA A 24 16.00 32.32 13.56
CA ALA A 24 15.12 33.14 14.39
C ALA A 24 14.33 34.10 13.52
N SER A 25 15.00 35.17 13.05
CA SER A 25 14.43 36.04 12.05
C SER A 25 14.53 35.28 10.74
N ALA A 26 15.55 34.43 10.65
CA ALA A 26 15.79 33.62 9.47
C ALA A 26 14.59 32.74 9.15
N TYR A 27 13.92 32.26 10.20
CA TYR A 27 12.73 31.42 10.01
C TYR A 27 11.58 32.17 9.36
N GLN A 28 11.71 33.49 9.26
CA GLN A 28 10.70 34.32 8.62
C GLN A 28 10.73 34.20 7.10
N ARG A 29 11.78 33.59 6.58
CA ARG A 29 11.89 33.37 5.13
C ARG A 29 11.65 31.91 4.77
N PHE A 30 11.58 31.06 5.78
CA PHE A 30 11.37 29.62 5.61
C PHE A 30 10.20 29.35 4.68
N GLU A 31 10.46 28.63 3.58
CA GLU A 31 9.40 28.25 2.63
C GLU A 31 8.98 26.79 2.81
N PRO A 32 7.75 26.56 3.29
CA PRO A 32 7.22 25.20 3.50
C PRO A 32 7.35 24.27 2.29
N ARG A 33 6.97 24.72 1.09
CA ARG A 33 7.02 23.84 -0.07
C ARG A 33 8.45 23.47 -0.45
N ALA A 34 9.35 24.44 -0.36
CA ALA A 34 10.77 24.18 -0.65
C ALA A 34 11.33 23.16 0.33
N TYR A 35 10.96 23.30 1.60
CA TYR A 35 11.40 22.38 2.63
C TYR A 35 10.88 20.96 2.40
N LEU A 36 9.61 20.84 2.06
CA LEU A 36 9.00 19.56 1.72
C LEU A 36 9.66 18.98 0.48
N ARG A 37 9.87 19.84 -0.51
CA ARG A 37 10.58 19.43 -1.72
C ARG A 37 11.97 18.85 -1.38
N ASN A 38 12.77 19.62 -0.65
CA ASN A 38 14.16 19.24 -0.34
C ASN A 38 14.30 17.97 0.48
N ASN A 39 13.29 17.67 1.29
CA ASN A 39 13.41 16.61 2.29
C ASN A 39 12.43 15.46 2.15
N TYR A 40 11.28 15.71 1.54
CA TYR A 40 10.23 14.69 1.50
C TYR A 40 9.78 14.34 0.10
N ALA A 41 10.52 14.86 -0.88
CA ALA A 41 10.39 14.44 -2.27
C ALA A 41 11.72 13.79 -2.65
N PRO A 42 11.74 13.03 -3.77
CA PRO A 42 12.97 12.32 -4.18
C PRO A 42 14.19 13.22 -4.23
N PRO A 43 15.38 12.69 -3.92
CA PRO A 43 15.64 11.29 -3.50
C PRO A 43 15.35 11.01 -2.02
N ARG A 44 15.47 12.03 -1.18
CA ARG A 44 15.34 11.84 0.27
C ARG A 44 14.00 11.25 0.67
N GLY A 45 12.99 11.52 -0.14
CA GLY A 45 11.65 11.04 0.16
C GLY A 45 11.27 9.73 -0.50
N ASP A 46 12.17 9.15 -1.30
CA ASP A 46 11.88 7.84 -1.89
C ASP A 46 11.75 6.81 -0.79
N LEU A 47 10.67 6.05 -0.79
CA LEU A 47 10.44 5.08 0.26
C LEU A 47 10.66 3.64 -0.21
N CYS A 48 10.83 3.44 -1.52
CA CYS A 48 10.95 2.08 -2.07
C CYS A 48 12.15 1.30 -1.54
N ASN A 49 13.31 1.94 -1.45
CA ASN A 49 14.51 1.31 -0.92
C ASN A 49 14.55 1.39 0.61
N PRO A 50 14.61 0.24 1.28
CA PRO A 50 14.55 0.21 2.74
C PRO A 50 15.80 0.80 3.41
N ASN A 51 16.85 1.05 2.63
CA ASN A 51 18.06 1.65 3.18
C ASN A 51 18.07 3.17 3.20
N GLY A 52 16.99 3.80 2.77
CA GLY A 52 16.90 5.25 2.81
C GLY A 52 16.54 5.83 4.18
N VAL A 53 16.74 7.13 4.33
CA VAL A 53 16.42 7.82 5.58
C VAL A 53 14.91 7.77 5.91
N GLY A 54 14.06 7.92 4.90
CA GLY A 54 12.62 7.86 5.11
C GLY A 54 12.16 6.59 5.80
N PRO A 55 12.41 5.43 5.16
CA PRO A 55 12.03 4.14 5.75
C PRO A 55 12.64 3.92 7.13
N TRP A 56 13.91 4.30 7.31
CA TRP A 56 14.57 4.19 8.62
C TRP A 56 13.83 4.97 9.72
N LYS A 57 13.46 6.21 9.42
CA LYS A 57 12.72 7.03 10.39
C LYS A 57 11.38 6.40 10.75
N LEU A 58 10.61 5.99 9.74
CA LEU A 58 9.32 5.35 9.97
C LEU A 58 9.47 4.07 10.77
N ARG A 59 10.55 3.35 10.49
CA ARG A 59 10.85 2.09 11.16
C ARG A 59 11.10 2.34 12.65
N CYS A 60 11.93 3.33 12.96
CA CYS A 60 12.20 3.68 14.35
C CYS A 60 10.90 4.00 15.08
N LEU A 61 10.06 4.81 14.44
CA LEU A 61 8.80 5.22 15.05
C LEU A 61 7.88 4.01 15.32
N ALA A 62 7.75 3.15 14.33
CA ALA A 62 6.87 1.98 14.42
C ALA A 62 7.31 0.95 15.44
N GLN A 63 8.59 0.63 15.45
CA GLN A 63 9.10 -0.38 16.38
C GLN A 63 8.87 0.05 17.82
N THR A 64 9.05 1.35 18.07
CA THR A 64 8.92 1.87 19.43
C THR A 64 7.50 1.73 19.96
N PHE A 65 6.51 2.07 19.14
CA PHE A 65 5.11 1.97 19.55
C PHE A 65 4.63 0.53 19.56
N ALA A 66 5.25 -0.31 18.74
CA ALA A 66 4.88 -1.71 18.69
C ALA A 66 5.27 -2.40 19.99
N THR A 67 6.17 -1.79 20.74
CA THR A 67 6.57 -2.32 22.04
C THR A 67 5.41 -2.30 23.04
N GLY A 68 4.47 -1.38 22.83
CA GLY A 68 3.34 -1.21 23.73
C GLY A 68 3.65 -0.42 25.00
N GLU A 69 4.88 0.09 25.10
CA GLU A 69 5.31 0.80 26.32
C GLU A 69 5.07 2.30 26.22
N VAL A 70 4.74 2.78 25.03
CA VAL A 70 4.46 4.20 24.84
C VAL A 70 2.98 4.36 24.55
N SER A 71 2.25 4.87 25.54
CA SER A 71 0.81 4.91 25.46
C SER A 71 0.22 5.91 26.45
N GLY A 72 -1.07 6.16 26.30
CA GLY A 72 -1.74 7.18 27.09
C GLY A 72 -2.88 7.78 26.30
N ARG A 73 -3.25 9.01 26.63
CA ARG A 73 -4.40 9.64 26.02
C ARG A 73 -4.00 10.82 25.13
N THR A 74 -3.02 11.58 25.57
CA THR A 74 -2.66 12.80 24.86
C THR A 74 -1.21 12.83 24.42
N LEU A 75 -0.99 13.41 23.24
CA LEU A 75 0.33 13.53 22.66
C LEU A 75 0.52 14.89 22.02
N ILE A 76 1.70 15.48 22.20
CA ILE A 76 2.02 16.73 21.52
C ILE A 76 3.25 16.60 20.64
N ASP A 77 3.12 17.00 19.38
CA ASP A 77 4.24 17.01 18.46
C ASP A 77 4.87 18.40 18.49
N ILE A 78 6.17 18.44 18.79
CA ILE A 78 6.88 19.71 18.92
C ILE A 78 7.60 20.06 17.63
N GLY A 79 7.27 21.22 17.07
CA GLY A 79 7.91 21.66 15.85
C GLY A 79 7.53 20.80 14.67
N SER A 80 6.22 20.62 14.50
CA SER A 80 5.67 19.79 13.44
C SER A 80 6.15 20.21 12.05
N GLY A 81 6.33 21.51 11.85
CA GLY A 81 6.60 22.04 10.53
C GLY A 81 5.40 21.73 9.65
N PRO A 82 5.64 21.52 8.36
CA PRO A 82 4.54 21.18 7.46
C PRO A 82 4.45 19.67 7.24
N THR A 83 4.85 18.86 8.23
CA THR A 83 4.89 17.41 8.01
C THR A 83 4.03 16.63 9.02
N VAL A 84 3.49 15.49 8.59
CA VAL A 84 2.66 14.63 9.46
C VAL A 84 3.21 13.19 9.64
N TYR A 85 4.23 12.82 8.86
CA TYR A 85 4.72 11.43 8.85
C TYR A 85 5.10 10.97 10.24
N GLN A 86 5.59 11.92 11.05
CA GLN A 86 6.08 11.60 12.38
C GLN A 86 4.98 11.16 13.35
N LEU A 87 3.74 11.12 12.88
CA LEU A 87 2.63 10.73 13.74
C LEU A 87 1.86 9.51 13.22
N LEU A 88 2.26 9.01 12.05
CA LEU A 88 1.53 7.93 11.41
C LEU A 88 1.44 6.69 12.28
N SER A 89 2.53 6.33 12.95
CA SER A 89 2.50 5.18 13.84
C SER A 89 1.96 5.55 15.22
N ALA A 90 2.14 6.81 15.60
CA ALA A 90 1.74 7.25 16.93
C ALA A 90 0.22 7.33 17.09
N CYS A 91 -0.47 7.62 16.00
CA CYS A 91 -1.88 8.03 16.10
C CYS A 91 -2.82 6.96 16.64
N SER A 92 -2.43 5.70 16.52
CA SER A 92 -3.30 4.63 16.99
C SER A 92 -3.06 4.35 18.47
N HIS A 93 -2.20 5.15 19.08
CA HIS A 93 -1.89 4.99 20.50
C HIS A 93 -2.32 6.19 21.34
N PHE A 94 -2.85 7.21 20.68
CA PHE A 94 -3.22 8.45 21.36
C PHE A 94 -4.44 9.10 20.75
N GLU A 95 -5.50 9.21 21.55
CA GLU A 95 -6.78 9.71 21.05
C GLU A 95 -6.80 11.23 20.93
N ASP A 96 -5.95 11.90 21.70
CA ASP A 96 -5.88 13.36 21.62
C ASP A 96 -4.47 13.78 21.22
N ILE A 97 -4.36 14.38 20.05
CA ILE A 97 -3.07 14.79 19.54
C ILE A 97 -3.04 16.29 19.27
N THR A 98 -1.93 16.92 19.68
CA THR A 98 -1.69 18.33 19.44
C THR A 98 -0.48 18.50 18.54
N MET A 99 -0.68 19.17 17.40
CA MET A 99 0.43 19.48 16.52
C MET A 99 0.83 20.93 16.75
N THR A 100 2.09 21.25 16.50
CA THR A 100 2.59 22.58 16.79
C THR A 100 3.64 23.07 15.79
N ASP A 101 3.73 24.39 15.65
CA ASP A 101 4.90 25.00 15.00
C ASP A 101 4.97 26.49 15.30
N PHE A 102 6.15 27.05 15.09
CA PHE A 102 6.42 28.46 15.37
C PHE A 102 5.89 29.35 14.24
N LEU A 103 5.81 28.79 13.04
CA LEU A 103 5.37 29.55 11.87
C LEU A 103 3.91 29.31 11.50
N GLU A 104 3.21 30.41 11.25
CA GLU A 104 1.84 30.39 10.76
C GLU A 104 1.73 29.61 9.44
N VAL A 105 2.68 29.82 8.54
CA VAL A 105 2.67 29.15 7.24
C VAL A 105 2.72 27.62 7.36
N ASN A 106 3.56 27.13 8.27
CA ASN A 106 3.60 25.68 8.52
C ASN A 106 2.27 25.19 9.03
N ARG A 107 1.68 25.94 9.96
CA ARG A 107 0.40 25.58 10.53
C ARG A 107 -0.67 25.56 9.45
N GLN A 108 -0.60 26.53 8.54
CA GLN A 108 -1.54 26.58 7.42
C GLN A 108 -1.37 25.37 6.55
N GLU A 109 -0.11 24.99 6.30
CA GLU A 109 0.18 23.85 5.43
C GLU A 109 -0.33 22.57 6.08
N LEU A 110 -0.24 22.49 7.40
CA LEU A 110 -0.80 21.36 8.14
C LEU A 110 -2.30 21.32 7.97
N GLY A 111 -2.93 22.47 8.16
CA GLY A 111 -4.37 22.60 8.06
C GLY A 111 -4.91 22.08 6.75
N ARG A 112 -4.24 22.43 5.65
CA ARG A 112 -4.66 21.99 4.33
C ARG A 112 -4.78 20.46 4.23
N TRP A 113 -3.85 19.75 4.84
CA TRP A 113 -3.87 18.29 4.77
C TRP A 113 -4.92 17.72 5.73
N LEU A 114 -4.96 18.25 6.94
CA LEU A 114 -5.89 17.77 7.95
C LEU A 114 -7.33 17.92 7.47
N GLN A 115 -7.58 18.96 6.68
CA GLN A 115 -8.92 19.27 6.19
C GLN A 115 -9.10 18.80 4.75
N GLU A 116 -8.10 18.10 4.22
CA GLU A 116 -8.11 17.63 2.84
C GLU A 116 -8.40 18.77 1.88
N GLU A 117 -7.86 19.95 2.19
CA GLU A 117 -8.04 21.14 1.36
C GLU A 117 -7.17 21.03 0.11
N PRO A 118 -7.36 21.93 -0.86
CA PRO A 118 -6.62 21.88 -2.12
C PRO A 118 -5.17 22.33 -2.00
N GLY A 119 -4.28 21.62 -2.70
CA GLY A 119 -2.87 21.96 -2.71
C GLY A 119 -2.13 21.35 -1.52
N ALA A 120 -2.86 20.55 -0.75
CA ALA A 120 -2.24 19.85 0.37
C ALA A 120 -1.09 19.01 -0.13
N PHE A 121 -0.06 18.86 0.68
CA PHE A 121 1.03 17.95 0.36
C PHE A 121 0.43 16.55 0.33
N ASN A 122 1.02 15.67 -0.47
CA ASN A 122 0.56 14.30 -0.55
C ASN A 122 1.42 13.38 0.29
N TRP A 123 0.88 12.95 1.42
CA TRP A 123 1.62 12.11 2.35
C TRP A 123 1.37 10.62 2.15
N SER A 124 0.61 10.28 1.11
CA SER A 124 0.11 8.91 0.93
C SER A 124 1.19 7.83 0.84
N MET A 125 2.32 8.15 0.20
CA MET A 125 3.43 7.20 0.15
C MET A 125 3.86 6.79 1.55
N TYR A 126 3.90 7.76 2.45
CA TYR A 126 4.36 7.55 3.82
C TYR A 126 3.33 6.77 4.62
N SER A 127 2.06 7.12 4.42
CA SER A 127 0.94 6.42 5.07
C SER A 127 0.99 4.96 4.65
N GLN A 128 1.16 4.73 3.36
CA GLN A 128 1.28 3.39 2.85
C GLN A 128 2.42 2.67 3.54
N HIS A 129 3.56 3.34 3.63
CA HIS A 129 4.74 2.70 4.20
C HIS A 129 4.64 2.39 5.70
N ALA A 130 4.03 3.28 6.45
CA ALA A 130 3.78 3.01 7.87
C ALA A 130 2.91 1.77 8.01
N CYS A 131 1.94 1.65 7.10
CA CYS A 131 1.06 0.48 7.08
C CYS A 131 1.84 -0.81 6.79
N LEU A 132 2.71 -0.76 5.78
CA LEU A 132 3.59 -1.89 5.48
C LEU A 132 4.39 -2.32 6.71
N ILE A 133 5.17 -1.38 7.23
CA ILE A 133 6.02 -1.61 8.40
C ILE A 133 5.23 -2.13 9.62
N GLU A 134 4.09 -1.52 9.89
CA GLU A 134 3.29 -1.90 11.05
C GLU A 134 2.75 -3.32 10.92
N GLY A 135 2.40 -3.72 9.70
CA GLY A 135 1.97 -5.07 9.42
C GLY A 135 0.72 -5.55 10.14
N LYS A 136 -0.31 -4.72 10.18
CA LYS A 136 -1.57 -5.12 10.81
C LYS A 136 -2.66 -5.22 9.75
N GLY A 137 -2.24 -5.20 8.48
CA GLY A 137 -3.16 -5.28 7.36
C GLY A 137 -3.97 -4.02 7.10
N GLU A 138 -3.57 -2.91 7.71
CA GLU A 138 -4.35 -1.67 7.61
C GLU A 138 -4.16 -0.97 6.27
N CYS A 139 -5.27 -0.54 5.67
CA CYS A 139 -5.22 0.28 4.46
C CYS A 139 -4.77 1.69 4.81
N TRP A 140 -4.03 2.32 3.90
CA TRP A 140 -3.44 3.61 4.21
C TRP A 140 -4.50 4.69 4.47
N GLN A 141 -5.68 4.52 3.88
CA GLN A 141 -6.77 5.47 4.08
C GLN A 141 -7.33 5.42 5.50
N ASP A 142 -7.37 4.23 6.09
CA ASP A 142 -7.85 4.11 7.45
C ASP A 142 -6.86 4.83 8.36
N LYS A 143 -5.59 4.66 8.02
CA LYS A 143 -4.48 5.27 8.76
C LYS A 143 -4.59 6.79 8.74
N GLU A 144 -4.86 7.36 7.56
CA GLU A 144 -4.96 8.81 7.43
C GLU A 144 -6.20 9.36 8.14
N ARG A 145 -7.33 8.67 7.97
CA ARG A 145 -8.56 9.05 8.65
C ARG A 145 -8.32 9.16 10.16
N GLN A 146 -7.77 8.10 10.73
CA GLN A 146 -7.51 8.07 12.16
C GLN A 146 -6.63 9.25 12.57
N LEU A 147 -5.53 9.46 11.84
CA LEU A 147 -4.60 10.54 12.17
C LEU A 147 -5.34 11.88 12.13
N ARG A 148 -6.07 12.13 11.05
CA ARG A 148 -6.82 13.37 10.90
C ARG A 148 -7.87 13.49 12.01
N ALA A 149 -8.39 12.36 12.46
CA ALA A 149 -9.45 12.34 13.45
C ALA A 149 -8.92 12.67 14.84
N ARG A 150 -7.69 12.22 15.13
CA ARG A 150 -7.15 12.36 16.48
C ARG A 150 -6.32 13.63 16.69
N VAL A 151 -5.96 14.31 15.61
CA VAL A 151 -5.34 15.62 15.73
C VAL A 151 -6.40 16.67 16.00
N LYS A 152 -6.45 17.18 17.23
CA LYS A 152 -7.52 18.07 17.64
C LYS A 152 -7.21 19.52 17.34
N ARG A 153 -5.93 19.88 17.39
CA ARG A 153 -5.54 21.28 17.30
C ARG A 153 -4.14 21.46 16.75
N VAL A 154 -3.94 22.57 16.03
CA VAL A 154 -2.62 22.96 15.56
C VAL A 154 -2.28 24.30 16.20
N LEU A 155 -1.24 24.31 17.04
CA LEU A 155 -0.95 25.46 17.88
C LEU A 155 0.41 26.09 17.66
N PRO A 156 0.52 27.38 17.95
CA PRO A 156 1.79 28.11 18.01
C PRO A 156 2.65 27.55 19.12
N ILE A 157 3.95 27.77 19.03
CA ILE A 157 4.89 27.27 20.02
C ILE A 157 6.24 27.91 19.79
N ASP A 158 6.96 28.17 20.88
CA ASP A 158 8.31 28.70 20.80
C ASP A 158 9.13 28.03 21.88
N VAL A 159 9.96 27.08 21.46
CA VAL A 159 10.72 26.28 22.41
C VAL A 159 11.66 27.15 23.23
N HIS A 160 11.98 28.33 22.73
CA HIS A 160 12.87 29.22 23.44
C HIS A 160 12.18 29.84 24.66
N GLN A 161 10.87 29.64 24.78
CA GLN A 161 10.11 30.17 25.93
C GLN A 161 9.95 29.11 27.01
N PRO A 162 10.17 29.49 28.28
CA PRO A 162 9.98 28.61 29.44
C PRO A 162 8.64 27.90 29.38
N GLN A 163 7.62 28.57 28.86
CA GLN A 163 6.33 27.94 28.59
C GLN A 163 6.12 27.96 27.09
N PRO A 164 6.64 26.93 26.39
CA PRO A 164 6.67 26.92 24.92
C PRO A 164 5.30 27.11 24.30
N LEU A 165 4.27 26.55 24.94
CA LEU A 165 2.91 26.63 24.45
C LEU A 165 2.21 27.92 24.86
N GLY A 166 2.82 28.65 25.78
CA GLY A 166 2.19 29.82 26.34
C GLY A 166 1.60 29.52 27.71
N ALA A 167 0.56 30.27 28.07
CA ALA A 167 0.00 30.19 29.43
C ALA A 167 -1.36 29.49 29.51
N GLY A 168 -2.31 29.95 28.70
CA GLY A 168 -3.66 29.39 28.74
C GLY A 168 -3.95 28.45 27.59
N SER A 169 -3.02 27.51 27.37
CA SER A 169 -3.05 26.63 26.21
C SER A 169 -4.28 25.72 26.18
N PRO A 170 -4.89 25.60 24.98
CA PRO A 170 -6.02 24.68 24.75
C PRO A 170 -5.55 23.24 24.82
N ALA A 171 -4.23 23.06 24.88
CA ALA A 171 -3.64 21.72 24.92
C ALA A 171 -3.76 21.11 26.30
N PRO A 172 -4.24 19.85 26.36
CA PRO A 172 -4.26 19.11 27.61
C PRO A 172 -2.84 18.96 28.16
N LEU A 173 -2.61 19.42 29.40
CA LEU A 173 -1.31 19.29 30.04
C LEU A 173 -1.44 18.62 31.40
N PRO A 174 -0.44 17.80 31.77
CA PRO A 174 0.75 17.51 30.97
C PRO A 174 0.45 16.39 30.00
N ALA A 175 1.16 16.34 28.88
CA ALA A 175 0.97 15.29 27.88
C ALA A 175 1.51 13.96 28.37
N ASP A 176 0.85 12.87 28.01
CA ASP A 176 1.36 11.54 28.32
C ASP A 176 2.64 11.23 27.52
N ALA A 177 2.84 11.94 26.42
CA ALA A 177 3.95 11.66 25.50
C ALA A 177 4.29 12.86 24.61
N LEU A 178 5.55 12.95 24.20
CA LEU A 178 5.97 13.97 23.25
C LEU A 178 6.65 13.38 22.02
N VAL A 179 6.47 14.03 20.88
CA VAL A 179 7.25 13.72 19.69
C VAL A 179 7.88 15.02 19.16
N SER A 180 9.08 14.93 18.61
CA SER A 180 9.71 16.08 17.97
C SER A 180 10.79 15.65 17.00
N ALA A 181 10.68 16.15 15.77
CA ALA A 181 11.60 15.76 14.72
C ALA A 181 12.21 16.98 14.05
N PHE A 182 13.53 17.10 14.17
CA PHE A 182 14.29 18.13 13.47
C PHE A 182 13.90 19.53 13.90
N CYS A 183 13.56 19.68 15.16
CA CYS A 183 13.24 21.01 15.69
C CYS A 183 14.39 21.61 16.53
N LEU A 184 14.58 21.07 17.73
CA LEU A 184 15.50 21.67 18.70
C LEU A 184 16.84 22.10 18.08
N GLU A 185 17.62 21.15 17.57
CA GLU A 185 18.93 21.45 17.01
C GLU A 185 18.80 22.43 15.85
N ALA A 186 17.66 22.39 15.17
CA ALA A 186 17.42 23.23 14.01
C ALA A 186 17.05 24.68 14.38
N VAL A 187 16.77 24.91 15.67
CA VAL A 187 16.37 26.23 16.14
C VAL A 187 17.32 26.78 17.20
N SER A 188 18.46 26.12 17.38
CA SER A 188 19.42 26.48 18.42
C SER A 188 20.80 26.79 17.85
N PRO A 189 21.36 27.95 18.22
CA PRO A 189 22.69 28.35 17.74
C PRO A 189 23.82 27.50 18.34
N ASP A 190 23.63 27.03 19.58
CA ASP A 190 24.70 26.30 20.24
C ASP A 190 24.13 25.26 21.19
N LEU A 191 25.02 24.42 21.73
CA LEU A 191 24.63 23.35 22.64
C LEU A 191 23.77 23.80 23.80
N ALA A 192 24.18 24.87 24.48
CA ALA A 192 23.47 25.33 25.66
C ALA A 192 22.03 25.66 25.32
N SER A 193 21.85 26.38 24.23
CA SER A 193 20.50 26.71 23.79
C SER A 193 19.75 25.40 23.54
N PHE A 194 20.38 24.48 22.83
CA PHE A 194 19.81 23.16 22.61
C PHE A 194 19.35 22.58 23.94
N GLN A 195 20.25 22.59 24.92
CA GLN A 195 19.95 22.01 26.24
C GLN A 195 18.77 22.71 26.89
N ARG A 196 18.74 24.04 26.82
CA ARG A 196 17.65 24.77 27.44
C ARG A 196 16.30 24.47 26.78
N ALA A 197 16.27 24.50 25.45
CA ALA A 197 15.03 24.21 24.72
C ALA A 197 14.46 22.84 25.09
N LEU A 198 15.35 21.87 25.25
CA LEU A 198 14.91 20.54 25.69
C LEU A 198 14.27 20.61 27.08
N ASP A 199 14.82 21.45 27.95
CA ASP A 199 14.24 21.67 29.27
C ASP A 199 12.84 22.25 29.13
N HIS A 200 12.71 23.24 28.24
CA HIS A 200 11.44 23.91 28.06
C HIS A 200 10.32 22.94 27.68
N ILE A 201 10.55 22.13 26.65
CA ILE A 201 9.50 21.21 26.22
C ILE A 201 9.25 20.10 27.23
N THR A 202 10.28 19.72 27.97
CA THR A 202 10.14 18.66 28.97
C THR A 202 9.09 19.00 30.02
N THR A 203 8.92 20.29 30.30
CA THR A 203 7.94 20.71 31.29
C THR A 203 6.51 20.48 30.78
N LEU A 204 6.39 20.25 29.48
CA LEU A 204 5.11 19.89 28.86
C LEU A 204 4.80 18.42 29.09
N LEU A 205 5.82 17.65 29.47
CA LEU A 205 5.71 16.21 29.57
C LEU A 205 5.53 15.76 31.02
N ARG A 206 4.58 14.87 31.22
CA ARG A 206 4.27 14.33 32.54
C ARG A 206 5.37 13.38 33.00
N PRO A 207 5.67 13.37 34.31
CA PRO A 207 6.67 12.43 34.81
C PRO A 207 6.25 11.03 34.43
N GLY A 208 7.20 10.19 34.04
CA GLY A 208 6.89 8.87 33.54
C GLY A 208 6.55 8.90 32.05
N GLY A 209 6.27 10.08 31.52
CA GLY A 209 5.90 10.22 30.13
C GLY A 209 7.03 9.81 29.20
N HIS A 210 6.75 9.78 27.90
CA HIS A 210 7.75 9.39 26.91
C HIS A 210 8.03 10.50 25.89
N LEU A 211 9.27 10.56 25.43
CA LEU A 211 9.66 11.49 24.39
C LEU A 211 10.35 10.75 23.24
N LEU A 212 9.82 10.91 22.03
CA LEU A 212 10.48 10.39 20.86
C LEU A 212 11.09 11.57 20.13
N LEU A 213 12.41 11.65 20.16
CA LEU A 213 13.13 12.78 19.58
C LEU A 213 13.91 12.29 18.37
N ILE A 214 13.63 12.89 17.20
CA ILE A 214 14.37 12.62 15.97
C ILE A 214 15.04 13.90 15.51
N GLY A 215 16.26 13.81 15.01
CA GLY A 215 17.00 15.01 14.63
C GLY A 215 18.25 14.83 13.81
N ALA A 216 18.77 15.93 13.29
CA ALA A 216 19.96 15.91 12.43
C ALA A 216 21.26 15.81 13.22
N LEU A 217 22.20 15.02 12.70
CA LEU A 217 23.50 14.84 13.34
C LEU A 217 24.61 15.58 12.62
N GLU A 218 25.37 16.37 13.38
CA GLU A 218 26.52 17.09 12.85
C GLU A 218 26.12 17.95 11.66
N GLU A 219 24.96 18.60 11.77
CA GLU A 219 24.51 19.52 10.73
C GLU A 219 24.73 20.94 11.23
N SER A 220 25.07 21.84 10.32
CA SER A 220 25.31 23.23 10.71
C SER A 220 24.46 24.21 9.91
N TRP A 221 23.92 23.75 8.80
CA TRP A 221 22.98 24.57 8.03
C TRP A 221 22.05 23.71 7.20
N TYR A 222 20.91 24.26 6.84
CA TYR A 222 20.05 23.65 5.83
C TYR A 222 19.23 24.74 5.15
N LEU A 223 18.73 24.47 3.96
CA LEU A 223 18.02 25.47 3.18
C LEU A 223 16.52 25.22 3.14
N ALA A 224 15.75 26.29 3.14
CA ALA A 224 14.29 26.23 3.02
C ALA A 224 13.79 27.29 2.06
N GLY A 225 14.14 27.15 0.79
CA GLY A 225 13.84 28.16 -0.20
C GLY A 225 14.81 29.32 -0.02
N GLU A 226 14.26 30.50 0.25
CA GLU A 226 15.07 31.70 0.43
C GLU A 226 15.73 31.72 1.81
N ALA A 227 15.25 30.86 2.70
CA ALA A 227 15.79 30.81 4.04
C ALA A 227 17.01 29.92 4.12
N ARG A 228 18.05 30.44 4.77
CA ARG A 228 19.24 29.65 5.08
C ARG A 228 19.32 29.55 6.60
N LEU A 229 19.10 28.35 7.14
CA LEU A 229 19.05 28.17 8.60
C LEU A 229 20.38 27.74 9.19
N THR A 230 20.72 28.33 10.32
CA THR A 230 21.88 27.90 11.07
C THR A 230 21.47 26.80 12.03
N VAL A 231 22.30 25.78 12.13
CA VAL A 231 21.99 24.63 12.95
C VAL A 231 23.16 24.41 13.90
N VAL A 232 22.89 24.00 15.13
CA VAL A 232 23.94 23.53 16.00
C VAL A 232 24.27 22.07 15.67
N PRO A 233 25.53 21.80 15.32
CA PRO A 233 25.97 20.44 15.02
C PRO A 233 26.04 19.62 16.29
N VAL A 234 25.23 18.57 16.40
CA VAL A 234 25.26 17.73 17.58
C VAL A 234 25.65 16.29 17.27
N SER A 235 26.26 15.64 18.26
CA SER A 235 26.64 14.24 18.14
C SER A 235 25.68 13.36 18.94
N GLU A 236 25.73 12.05 18.69
CA GLU A 236 24.88 11.13 19.42
C GLU A 236 25.10 11.21 20.93
N GLU A 237 26.36 11.24 21.35
CA GLU A 237 26.68 11.31 22.78
C GLU A 237 26.22 12.63 23.40
N GLU A 238 26.28 13.70 22.62
CA GLU A 238 25.81 15.00 23.12
C GLU A 238 24.31 14.96 23.34
N VAL A 239 23.58 14.44 22.35
CA VAL A 239 22.13 14.26 22.48
C VAL A 239 21.81 13.43 23.72
N ARG A 240 22.52 12.32 23.86
CA ARG A 240 22.33 11.46 25.03
C ARG A 240 22.49 12.28 26.31
N GLU A 241 23.59 13.03 26.41
CA GLU A 241 23.91 13.77 27.62
C GLU A 241 22.85 14.84 27.93
N ALA A 242 22.38 15.51 26.89
CA ALA A 242 21.36 16.53 27.06
C ALA A 242 20.07 15.91 27.59
N LEU A 243 19.77 14.71 27.11
CA LEU A 243 18.58 13.99 27.57
C LEU A 243 18.71 13.65 29.05
N VAL A 244 19.85 13.09 29.41
CA VAL A 244 20.13 12.78 30.81
C VAL A 244 20.05 14.04 31.66
N ARG A 245 20.73 15.09 31.24
CA ARG A 245 20.72 16.34 31.97
C ARG A 245 19.30 16.89 32.19
N SER A 246 18.38 16.55 31.29
CA SER A 246 17.01 17.06 31.35
C SER A 246 16.09 16.23 32.23
N GLY A 247 16.59 15.12 32.74
CA GLY A 247 15.82 14.27 33.62
C GLY A 247 15.15 13.09 32.93
N TYR A 248 15.75 12.63 31.84
CA TYR A 248 15.21 11.48 31.10
C TYR A 248 16.08 10.25 31.31
N LYS A 249 15.45 9.08 31.29
CA LYS A 249 16.21 7.86 31.07
C LYS A 249 16.16 7.55 29.58
N VAL A 250 17.32 7.35 28.98
CA VAL A 250 17.38 7.00 27.57
C VAL A 250 17.13 5.52 27.39
N ARG A 251 15.99 5.19 26.79
CA ARG A 251 15.61 3.80 26.55
C ARG A 251 16.21 3.31 25.25
N ASP A 252 16.45 4.24 24.33
CA ASP A 252 16.97 3.89 23.03
C ASP A 252 17.57 5.09 22.31
N LEU A 253 18.72 4.88 21.67
CA LEU A 253 19.34 5.91 20.86
C LEU A 253 20.07 5.24 19.70
N ARG A 254 19.55 5.43 18.48
CA ARG A 254 20.10 4.81 17.27
C ARG A 254 20.57 5.88 16.28
N THR A 255 21.48 5.51 15.40
CA THR A 255 21.99 6.43 14.41
C THR A 255 21.86 5.91 12.97
N TYR A 256 21.38 6.77 12.08
CA TYR A 256 21.39 6.49 10.65
C TYR A 256 22.47 7.34 10.04
N ILE A 257 23.46 6.70 9.42
CA ILE A 257 24.50 7.42 8.72
C ILE A 257 24.05 7.75 7.30
N MET A 258 24.13 9.03 6.93
CA MET A 258 23.61 9.51 5.65
C MET A 258 24.48 9.08 4.46
N PRO A 259 23.93 8.22 3.58
CA PRO A 259 24.74 7.73 2.46
C PRO A 259 25.02 8.85 1.47
N ALA A 260 26.04 8.69 0.65
CA ALA A 260 26.51 9.73 -0.26
C ALA A 260 25.42 10.25 -1.19
N HIS A 261 24.63 9.33 -1.73
CA HIS A 261 23.64 9.67 -2.74
C HIS A 261 22.48 10.52 -2.20
N LEU A 262 22.42 10.66 -0.88
CA LEU A 262 21.41 11.51 -0.25
C LEU A 262 22.01 12.82 0.29
N GLN A 263 23.23 13.12 -0.13
CA GLN A 263 23.85 14.42 0.10
C GLN A 263 23.61 15.29 -1.13
N THR A 264 22.63 16.18 -1.04
CA THR A 264 22.02 16.75 -2.25
C THR A 264 22.13 18.26 -2.43
N GLY A 265 22.89 18.93 -1.59
CA GLY A 265 22.98 20.38 -1.70
C GLY A 265 22.03 21.16 -0.81
N VAL A 266 21.07 20.48 -0.19
CA VAL A 266 20.07 21.18 0.65
C VAL A 266 20.52 21.35 2.11
N ASP A 267 21.60 20.69 2.49
CA ASP A 267 22.15 20.83 3.83
C ASP A 267 23.51 20.15 3.91
N ASP A 268 24.04 20.01 5.13
CA ASP A 268 25.26 19.25 5.31
C ASP A 268 25.11 18.22 6.41
N VAL A 269 23.91 17.66 6.54
CA VAL A 269 23.63 16.64 7.54
C VAL A 269 24.61 15.48 7.35
N LYS A 270 25.02 14.84 8.45
CA LYS A 270 25.89 13.66 8.37
C LYS A 270 25.14 12.38 8.68
N GLY A 271 24.12 12.50 9.52
CA GLY A 271 23.36 11.35 9.98
C GLY A 271 22.07 11.80 10.65
N VAL A 272 21.26 10.84 11.06
CA VAL A 272 20.02 11.12 11.76
C VAL A 272 19.98 10.27 13.02
N PHE A 273 19.66 10.89 14.15
CA PHE A 273 19.54 10.13 15.39
C PHE A 273 18.09 9.89 15.71
N PHE A 274 17.80 8.73 16.28
CA PHE A 274 16.49 8.49 16.88
C PHE A 274 16.66 8.21 18.36
N ALA A 275 15.93 8.93 19.20
CA ALA A 275 15.99 8.72 20.65
C ALA A 275 14.61 8.45 21.26
N TRP A 276 14.55 7.38 22.05
CA TRP A 276 13.37 7.09 22.87
C TRP A 276 13.72 7.31 24.35
N ALA A 277 13.23 8.42 24.90
CA ALA A 277 13.54 8.78 26.28
C ALA A 277 12.28 8.77 27.13
N GLN A 278 12.46 8.47 28.42
CA GLN A 278 11.35 8.42 29.37
C GLN A 278 11.64 9.37 30.55
N LYS A 279 10.68 10.23 30.86
CA LYS A 279 10.84 11.21 31.94
C LYS A 279 10.80 10.56 33.32
N VAL A 280 11.73 10.96 34.18
CA VAL A 280 11.72 10.52 35.57
C VAL A 280 11.69 11.73 36.49
N PRO B 14 -24.01 -32.69 -27.45
CA PRO B 14 -24.43 -32.32 -28.81
C PRO B 14 -23.61 -31.17 -29.41
N ASP B 15 -24.29 -30.27 -30.11
CA ASP B 15 -23.63 -29.22 -30.89
C ASP B 15 -23.24 -28.03 -30.01
N SER B 16 -21.96 -27.69 -30.01
CA SER B 16 -21.48 -26.58 -29.17
C SER B 16 -21.44 -25.24 -29.90
N ALA B 17 -21.49 -25.27 -31.23
CA ALA B 17 -21.43 -24.04 -32.01
C ALA B 17 -22.49 -22.98 -31.66
N PRO B 18 -23.75 -23.40 -31.45
CA PRO B 18 -24.79 -22.42 -31.15
C PRO B 18 -24.48 -21.61 -29.89
N GLY B 19 -24.39 -22.28 -28.76
CA GLY B 19 -24.14 -21.62 -27.49
C GLY B 19 -22.90 -20.74 -27.52
N GLN B 20 -21.84 -21.24 -28.13
CA GLN B 20 -20.60 -20.49 -28.24
C GLN B 20 -20.81 -19.25 -29.11
N ALA B 21 -21.69 -19.37 -30.09
CA ALA B 21 -21.97 -18.26 -31.01
C ALA B 21 -22.68 -17.14 -30.25
N ALA B 22 -23.63 -17.54 -29.42
CA ALA B 22 -24.38 -16.62 -28.58
C ALA B 22 -23.42 -15.84 -27.69
N VAL B 23 -22.51 -16.57 -27.05
CA VAL B 23 -21.54 -15.97 -26.14
C VAL B 23 -20.63 -14.96 -26.85
N ALA B 24 -20.09 -15.34 -28.01
CA ALA B 24 -19.27 -14.45 -28.81
C ALA B 24 -20.02 -13.21 -29.28
N SER B 25 -21.29 -13.39 -29.65
CA SER B 25 -22.14 -12.28 -30.04
C SER B 25 -22.29 -11.32 -28.88
N ALA B 26 -22.60 -11.87 -27.71
CA ALA B 26 -22.84 -11.05 -26.52
C ALA B 26 -21.60 -10.24 -26.11
N TYR B 27 -20.43 -10.86 -26.19
CA TYR B 27 -19.21 -10.20 -25.74
C TYR B 27 -18.79 -9.04 -26.64
N GLN B 28 -19.31 -8.99 -27.86
CA GLN B 28 -19.02 -7.87 -28.77
C GLN B 28 -19.43 -6.53 -28.15
N ARG B 29 -20.29 -6.58 -27.14
CA ARG B 29 -20.75 -5.37 -26.46
C ARG B 29 -20.10 -5.16 -25.09
N PHE B 30 -19.31 -6.13 -24.65
CA PHE B 30 -18.60 -6.03 -23.38
C PHE B 30 -17.81 -4.71 -23.34
N GLU B 31 -18.06 -3.90 -22.32
CA GLU B 31 -17.36 -2.62 -22.18
C GLU B 31 -16.38 -2.64 -21.01
N PRO B 32 -15.08 -2.65 -21.32
CA PRO B 32 -14.02 -2.78 -20.30
C PRO B 32 -14.09 -1.75 -19.18
N ARG B 33 -14.30 -0.50 -19.53
CA ARG B 33 -14.40 0.54 -18.51
C ARG B 33 -15.56 0.31 -17.56
N ALA B 34 -16.71 -0.04 -18.11
CA ALA B 34 -17.89 -0.27 -17.30
C ALA B 34 -17.70 -1.50 -16.41
N TYR B 35 -17.13 -2.56 -16.99
CA TYR B 35 -16.80 -3.76 -16.23
C TYR B 35 -15.81 -3.45 -15.10
N LEU B 36 -14.79 -2.66 -15.41
CA LEU B 36 -13.80 -2.27 -14.42
C LEU B 36 -14.48 -1.50 -13.31
N ARG B 37 -15.32 -0.55 -13.71
CA ARG B 37 -16.05 0.27 -12.76
C ARG B 37 -16.95 -0.61 -11.89
N ASN B 38 -17.63 -1.56 -12.52
CA ASN B 38 -18.58 -2.44 -11.84
C ASN B 38 -17.96 -3.33 -10.76
N ASN B 39 -16.76 -3.85 -11.03
CA ASN B 39 -16.16 -4.87 -10.17
C ASN B 39 -14.90 -4.45 -9.42
N TYR B 40 -14.24 -3.40 -9.90
CA TYR B 40 -12.92 -3.05 -9.33
C TYR B 40 -12.80 -1.62 -8.80
N ALA B 41 -13.83 -0.81 -9.01
CA ALA B 41 -14.00 0.43 -8.27
C ALA B 41 -14.99 0.14 -7.13
N PRO B 42 -15.00 0.99 -6.09
CA PRO B 42 -15.89 0.79 -4.94
C PRO B 42 -17.35 0.68 -5.35
N PRO B 43 -18.18 0.01 -4.53
CA PRO B 43 -17.82 -0.61 -3.24
C PRO B 43 -17.10 -1.95 -3.36
N ARG B 44 -17.31 -2.66 -4.47
CA ARG B 44 -16.67 -3.97 -4.64
C ARG B 44 -15.16 -3.87 -4.67
N GLY B 45 -14.66 -2.71 -5.07
CA GLY B 45 -13.23 -2.52 -5.17
C GLY B 45 -12.60 -2.03 -3.88
N ASP B 46 -13.41 -1.80 -2.85
CA ASP B 46 -12.89 -1.23 -1.61
C ASP B 46 -11.96 -2.19 -0.91
N LEU B 47 -10.70 -1.81 -0.78
CA LEU B 47 -9.71 -2.69 -0.20
C LEU B 47 -9.53 -2.52 1.31
N CYS B 48 -10.13 -1.48 1.88
CA CYS B 48 -9.96 -1.20 3.30
C CYS B 48 -10.64 -2.21 4.22
N ASN B 49 -11.81 -2.71 3.83
CA ASN B 49 -12.47 -3.73 4.65
C ASN B 49 -11.96 -5.13 4.29
N PRO B 50 -11.33 -5.80 5.25
CA PRO B 50 -10.72 -7.13 5.05
C PRO B 50 -11.78 -8.20 4.78
N ASN B 51 -13.03 -7.91 5.12
CA ASN B 51 -14.13 -8.84 4.87
C ASN B 51 -14.74 -8.67 3.48
N GLY B 52 -14.29 -7.67 2.75
CA GLY B 52 -14.76 -7.44 1.39
C GLY B 52 -14.18 -8.45 0.42
N VAL B 53 -14.71 -8.48 -0.80
CA VAL B 53 -14.34 -9.50 -1.77
C VAL B 53 -12.94 -9.33 -2.31
N GLY B 54 -12.59 -8.10 -2.66
CA GLY B 54 -11.25 -7.78 -3.14
C GLY B 54 -10.15 -8.29 -2.23
N PRO B 55 -10.16 -7.85 -0.96
CA PRO B 55 -9.16 -8.33 0.01
C PRO B 55 -9.12 -9.85 0.09
N TRP B 56 -10.29 -10.50 -0.03
CA TRP B 56 -10.36 -11.97 0.03
C TRP B 56 -9.67 -12.63 -1.17
N LYS B 57 -9.94 -12.09 -2.36
CA LYS B 57 -9.30 -12.60 -3.58
C LYS B 57 -7.78 -12.50 -3.54
N LEU B 58 -7.26 -11.31 -3.22
CA LEU B 58 -5.82 -11.09 -3.11
C LEU B 58 -5.22 -12.01 -2.05
N ARG B 59 -5.94 -12.18 -0.97
CA ARG B 59 -5.50 -13.00 0.16
C ARG B 59 -5.35 -14.47 -0.24
N CYS B 60 -6.34 -15.00 -0.96
CA CYS B 60 -6.27 -16.37 -1.48
C CYS B 60 -5.03 -16.57 -2.35
N LEU B 61 -4.72 -15.57 -3.16
CA LEU B 61 -3.57 -15.66 -4.07
C LEU B 61 -2.26 -15.57 -3.30
N ALA B 62 -2.15 -14.55 -2.45
CA ALA B 62 -0.94 -14.33 -1.66
C ALA B 62 -0.57 -15.57 -0.87
N GLN B 63 -1.53 -16.11 -0.12
CA GLN B 63 -1.28 -17.30 0.70
C GLN B 63 -0.90 -18.53 -0.12
N THR B 64 -1.49 -18.68 -1.30
CA THR B 64 -1.19 -19.85 -2.11
C THR B 64 0.27 -19.76 -2.57
N PHE B 65 0.68 -18.57 -3.01
CA PHE B 65 2.04 -18.38 -3.49
C PHE B 65 3.05 -18.37 -2.34
N ALA B 66 2.56 -18.01 -1.14
CA ALA B 66 3.39 -17.94 0.04
C ALA B 66 3.85 -19.33 0.49
N THR B 67 3.12 -20.37 0.11
CA THR B 67 3.51 -21.74 0.41
C THR B 67 4.80 -22.11 -0.29
N GLY B 68 5.16 -21.32 -1.30
CA GLY B 68 6.32 -21.63 -2.12
C GLY B 68 6.11 -22.85 -2.99
N GLU B 69 4.92 -23.43 -2.90
CA GLU B 69 4.61 -24.67 -3.60
C GLU B 69 4.18 -24.47 -5.05
N VAL B 70 3.95 -23.22 -5.45
CA VAL B 70 3.57 -22.94 -6.81
C VAL B 70 4.64 -22.09 -7.48
N SER B 71 5.51 -22.75 -8.25
CA SER B 71 6.59 -22.04 -8.93
C SER B 71 6.98 -22.69 -10.24
N GLY B 72 7.87 -22.03 -10.99
CA GLY B 72 8.29 -22.49 -12.29
C GLY B 72 8.85 -21.34 -13.11
N ARG B 73 8.96 -21.54 -14.41
CA ARG B 73 9.43 -20.48 -15.28
C ARG B 73 8.27 -19.74 -15.94
N THR B 74 7.24 -20.48 -16.37
CA THR B 74 6.18 -19.88 -17.18
C THR B 74 4.76 -20.00 -16.59
N LEU B 75 4.00 -18.94 -16.78
CA LEU B 75 2.65 -18.85 -16.25
C LEU B 75 1.74 -18.30 -17.34
N ILE B 76 0.55 -18.87 -17.46
CA ILE B 76 -0.47 -18.33 -18.37
C ILE B 76 -1.70 -17.92 -17.59
N ASP B 77 -2.11 -16.66 -17.75
CA ASP B 77 -3.35 -16.16 -17.18
C ASP B 77 -4.44 -16.31 -18.22
N ILE B 78 -5.46 -17.08 -17.88
CA ILE B 78 -6.54 -17.45 -18.79
C ILE B 78 -7.71 -16.48 -18.68
N GLY B 79 -8.01 -15.78 -19.76
CA GLY B 79 -9.11 -14.84 -19.75
C GLY B 79 -8.84 -13.66 -18.84
N SER B 80 -7.73 -12.96 -19.10
CA SER B 80 -7.30 -11.86 -18.24
C SER B 80 -8.30 -10.72 -18.17
N GLY B 81 -8.96 -10.44 -19.29
CA GLY B 81 -9.83 -9.29 -19.36
C GLY B 81 -9.02 -8.02 -19.27
N PRO B 82 -9.60 -6.96 -18.68
CA PRO B 82 -8.80 -5.75 -18.54
C PRO B 82 -8.13 -5.63 -17.16
N THR B 83 -7.95 -6.75 -16.45
CA THR B 83 -7.44 -6.72 -15.06
C THR B 83 -6.09 -7.39 -14.90
N VAL B 84 -5.32 -6.94 -13.90
CA VAL B 84 -3.99 -7.46 -13.62
C VAL B 84 -3.79 -7.89 -12.17
N TYR B 85 -4.75 -7.53 -11.31
CA TYR B 85 -4.66 -7.88 -9.90
C TYR B 85 -4.37 -9.37 -9.70
N GLN B 86 -4.93 -10.20 -10.57
CA GLN B 86 -4.83 -11.65 -10.41
C GLN B 86 -3.40 -12.15 -10.58
N LEU B 87 -2.50 -11.24 -10.91
CA LEU B 87 -1.11 -11.59 -11.12
C LEU B 87 -0.15 -10.90 -10.16
N LEU B 88 -0.70 -10.10 -9.25
CA LEU B 88 0.15 -9.30 -8.36
C LEU B 88 1.05 -10.15 -7.46
N SER B 89 0.46 -11.15 -6.81
CA SER B 89 1.27 -12.03 -5.98
C SER B 89 2.04 -13.04 -6.82
N ALA B 90 1.53 -13.33 -8.01
CA ALA B 90 2.10 -14.36 -8.87
C ALA B 90 3.45 -13.97 -9.48
N CYS B 91 3.62 -12.68 -9.76
CA CYS B 91 4.72 -12.25 -10.63
C CYS B 91 6.10 -12.43 -10.02
N SER B 92 6.19 -12.48 -8.69
CA SER B 92 7.48 -12.74 -8.05
C SER B 92 7.90 -14.22 -8.14
N HIS B 93 7.03 -15.06 -8.68
CA HIS B 93 7.32 -16.51 -8.74
C HIS B 93 7.46 -17.04 -10.16
N PHE B 94 7.27 -16.19 -11.17
CA PHE B 94 7.41 -16.63 -12.55
C PHE B 94 8.14 -15.60 -13.41
N GLU B 95 9.14 -16.07 -14.15
CA GLU B 95 9.92 -15.21 -15.05
C GLU B 95 9.05 -14.76 -16.22
N ASP B 96 8.27 -15.69 -16.75
CA ASP B 96 7.59 -15.48 -18.02
C ASP B 96 6.08 -15.62 -17.88
N ILE B 97 5.38 -14.51 -18.04
CA ILE B 97 3.94 -14.52 -17.88
C ILE B 97 3.23 -14.19 -19.18
N THR B 98 2.30 -15.05 -19.55
CA THR B 98 1.44 -14.84 -20.71
C THR B 98 0.05 -14.38 -20.23
N MET B 99 -0.40 -13.23 -20.74
CA MET B 99 -1.76 -12.74 -20.48
C MET B 99 -2.54 -12.98 -21.75
N THR B 100 -3.86 -13.10 -21.63
CA THR B 100 -4.68 -13.50 -22.76
C THR B 100 -6.09 -12.99 -22.61
N ASP B 101 -6.73 -12.67 -23.74
CA ASP B 101 -8.17 -12.45 -23.72
C ASP B 101 -8.76 -12.60 -25.12
N PHE B 102 -10.03 -12.98 -25.15
CA PHE B 102 -10.82 -13.10 -26.37
C PHE B 102 -10.94 -11.76 -27.09
N LEU B 103 -11.09 -10.69 -26.31
CA LEU B 103 -11.46 -9.38 -26.84
C LEU B 103 -10.29 -8.41 -27.01
N GLU B 104 -10.13 -7.93 -28.23
CA GLU B 104 -9.08 -6.98 -28.55
C GLU B 104 -9.15 -5.76 -27.64
N VAL B 105 -10.36 -5.31 -27.30
CA VAL B 105 -10.51 -4.12 -26.48
C VAL B 105 -9.91 -4.32 -25.09
N ASN B 106 -10.01 -5.54 -24.58
CA ASN B 106 -9.40 -5.86 -23.29
C ASN B 106 -7.90 -5.90 -23.44
N ARG B 107 -7.45 -6.55 -24.52
CA ARG B 107 -6.03 -6.63 -24.78
C ARG B 107 -5.42 -5.23 -24.88
N GLN B 108 -6.14 -4.29 -25.48
CA GLN B 108 -5.69 -2.91 -25.61
C GLN B 108 -5.63 -2.24 -24.26
N GLU B 109 -6.60 -2.57 -23.43
CA GLU B 109 -6.66 -2.04 -22.08
C GLU B 109 -5.37 -2.42 -21.32
N LEU B 110 -5.01 -3.69 -21.35
CA LEU B 110 -3.78 -4.19 -20.75
C LEU B 110 -2.56 -3.50 -21.36
N GLY B 111 -2.65 -3.25 -22.66
CA GLY B 111 -1.59 -2.55 -23.37
C GLY B 111 -1.36 -1.19 -22.76
N ARG B 112 -2.44 -0.51 -22.37
CA ARG B 112 -2.32 0.83 -21.81
C ARG B 112 -1.64 0.79 -20.45
N TRP B 113 -1.92 -0.25 -19.68
CA TRP B 113 -1.30 -0.37 -18.38
C TRP B 113 0.16 -0.75 -18.51
N LEU B 114 0.46 -1.64 -19.48
CA LEU B 114 1.84 -2.04 -19.74
C LEU B 114 2.72 -0.87 -20.12
N GLN B 115 2.18 0.06 -20.89
CA GLN B 115 2.92 1.26 -21.29
C GLN B 115 2.92 2.31 -20.19
N GLU B 116 2.18 2.02 -19.13
CA GLU B 116 2.16 2.91 -17.97
C GLU B 116 1.58 4.25 -18.35
N GLU B 117 0.58 4.23 -19.22
CA GLU B 117 -0.12 5.44 -19.61
C GLU B 117 -1.06 5.90 -18.51
N PRO B 118 -1.30 7.22 -18.42
CA PRO B 118 -2.22 7.84 -17.44
C PRO B 118 -3.68 7.45 -17.71
N GLY B 119 -4.03 7.28 -18.98
CA GLY B 119 -5.36 6.86 -19.34
C GLY B 119 -5.65 5.43 -18.91
N ALA B 120 -4.59 4.69 -18.54
CA ALA B 120 -4.74 3.30 -18.12
C ALA B 120 -5.50 3.24 -16.80
N PHE B 121 -6.21 2.14 -16.60
CA PHE B 121 -6.89 1.94 -15.33
C PHE B 121 -5.86 1.86 -14.23
N ASN B 122 -6.17 2.45 -13.08
CA ASN B 122 -5.23 2.57 -12.00
C ASN B 122 -5.32 1.42 -11.00
N TRP B 123 -4.32 0.56 -11.00
CA TRP B 123 -4.32 -0.65 -10.19
C TRP B 123 -3.55 -0.53 -8.88
N SER B 124 -2.96 0.63 -8.62
CA SER B 124 -1.99 0.77 -7.52
C SER B 124 -2.54 0.53 -6.10
N MET B 125 -3.85 0.71 -5.91
CA MET B 125 -4.45 0.35 -4.62
C MET B 125 -4.28 -1.16 -4.45
N TYR B 126 -4.47 -1.88 -5.54
CA TYR B 126 -4.34 -3.34 -5.54
C TYR B 126 -2.88 -3.72 -5.33
N SER B 127 -1.98 -3.08 -6.07
CA SER B 127 -0.57 -3.38 -5.93
C SER B 127 -0.14 -3.18 -4.49
N GLN B 128 -0.56 -2.06 -3.91
CA GLN B 128 -0.24 -1.75 -2.53
C GLN B 128 -0.79 -2.81 -1.58
N HIS B 129 -2.08 -3.11 -1.73
CA HIS B 129 -2.70 -4.08 -0.83
C HIS B 129 -1.97 -5.42 -0.91
N ALA B 130 -1.57 -5.80 -2.12
CA ALA B 130 -0.83 -7.06 -2.28
C ALA B 130 0.54 -6.98 -1.59
N CYS B 131 1.18 -5.82 -1.68
CA CYS B 131 2.44 -5.62 -0.98
C CYS B 131 2.21 -5.76 0.53
N LEU B 132 1.15 -5.13 1.02
CA LEU B 132 0.80 -5.16 2.44
C LEU B 132 0.67 -6.58 2.99
N ILE B 133 -0.13 -7.41 2.33
CA ILE B 133 -0.40 -8.76 2.85
C ILE B 133 0.68 -9.79 2.52
N GLU B 134 1.51 -9.52 1.52
CA GLU B 134 2.67 -10.40 1.26
C GLU B 134 3.69 -10.24 2.38
N GLY B 135 3.68 -9.09 3.03
CA GLY B 135 4.46 -8.88 4.24
C GLY B 135 5.97 -8.84 4.07
N LYS B 136 6.46 -8.35 2.93
CA LYS B 136 7.89 -8.25 2.70
C LYS B 136 8.36 -6.80 2.58
N GLY B 137 7.51 -5.87 2.99
CA GLY B 137 7.84 -4.46 2.91
C GLY B 137 8.19 -3.94 1.53
N GLU B 138 7.70 -4.63 0.49
CA GLU B 138 7.92 -4.19 -0.88
C GLU B 138 7.03 -2.97 -1.17
N CYS B 139 7.58 -1.94 -1.79
CA CYS B 139 6.72 -0.83 -2.21
C CYS B 139 5.94 -1.25 -3.47
N TRP B 140 4.87 -0.53 -3.76
CA TRP B 140 3.97 -0.94 -4.83
C TRP B 140 4.52 -0.63 -6.22
N GLN B 141 5.43 0.33 -6.30
CA GLN B 141 6.06 0.69 -7.57
C GLN B 141 6.98 -0.44 -8.05
N ASP B 142 7.65 -1.11 -7.12
CA ASP B 142 8.53 -2.21 -7.47
C ASP B 142 7.70 -3.41 -7.92
N LYS B 143 6.64 -3.71 -7.17
CA LYS B 143 5.71 -4.77 -7.52
C LYS B 143 5.19 -4.52 -8.95
N GLU B 144 4.70 -3.31 -9.20
CA GLU B 144 4.21 -2.96 -10.53
C GLU B 144 5.31 -3.09 -11.57
N ARG B 145 6.50 -2.60 -11.22
CA ARG B 145 7.60 -2.61 -12.17
C ARG B 145 7.90 -4.05 -12.57
N GLN B 146 7.88 -4.95 -11.59
CA GLN B 146 8.16 -6.36 -11.85
C GLN B 146 7.07 -7.08 -12.66
N LEU B 147 5.81 -6.67 -12.51
CA LEU B 147 4.74 -7.30 -13.29
C LEU B 147 4.89 -6.91 -14.75
N ARG B 148 5.11 -5.62 -14.99
CA ARG B 148 5.34 -5.12 -16.35
C ARG B 148 6.52 -5.82 -17.06
N ALA B 149 7.57 -6.12 -16.32
CA ALA B 149 8.76 -6.74 -16.89
C ALA B 149 8.50 -8.21 -17.23
N ARG B 150 7.68 -8.86 -16.41
CA ARG B 150 7.51 -10.30 -16.54
C ARG B 150 6.37 -10.70 -17.47
N VAL B 151 5.49 -9.77 -17.81
CA VAL B 151 4.48 -10.01 -18.84
C VAL B 151 5.14 -10.02 -20.22
N LYS B 152 5.37 -11.21 -20.78
CA LYS B 152 6.11 -11.34 -22.03
C LYS B 152 5.24 -11.25 -23.28
N ARG B 153 3.93 -11.32 -23.11
CA ARG B 153 3.02 -11.26 -24.25
C ARG B 153 1.55 -11.20 -23.81
N VAL B 154 0.72 -10.59 -24.65
CA VAL B 154 -0.72 -10.55 -24.46
C VAL B 154 -1.40 -11.13 -25.71
N LEU B 155 -2.13 -12.23 -25.54
CA LEU B 155 -2.56 -13.04 -26.67
C LEU B 155 -4.06 -13.22 -26.78
N PRO B 156 -4.56 -13.33 -28.01
CA PRO B 156 -5.97 -13.72 -28.19
C PRO B 156 -6.13 -15.13 -27.64
N ILE B 157 -7.33 -15.46 -27.21
CA ILE B 157 -7.61 -16.81 -26.73
C ILE B 157 -9.10 -17.11 -26.83
N ASP B 158 -9.43 -18.39 -27.02
CA ASP B 158 -10.81 -18.85 -27.00
C ASP B 158 -10.82 -20.21 -26.32
N VAL B 159 -11.31 -20.26 -25.09
CA VAL B 159 -11.25 -21.49 -24.32
C VAL B 159 -12.13 -22.58 -24.89
N HIS B 160 -12.96 -22.25 -25.88
CA HIS B 160 -13.86 -23.23 -26.47
C HIS B 160 -13.19 -24.04 -27.56
N GLN B 161 -12.08 -23.52 -28.08
CA GLN B 161 -11.26 -24.26 -29.03
C GLN B 161 -10.40 -25.27 -28.30
N PRO B 162 -10.23 -26.46 -28.89
CA PRO B 162 -9.40 -27.54 -28.34
C PRO B 162 -7.98 -27.05 -28.07
N GLN B 163 -7.50 -26.15 -28.92
CA GLN B 163 -6.23 -25.45 -28.67
C GLN B 163 -6.54 -23.99 -28.44
N PRO B 164 -6.82 -23.63 -27.17
CA PRO B 164 -7.34 -22.30 -26.85
C PRO B 164 -6.48 -21.15 -27.37
N LEU B 165 -5.16 -21.37 -27.50
CA LEU B 165 -4.25 -20.35 -27.99
C LEU B 165 -3.98 -20.44 -29.49
N GLY B 166 -4.60 -21.43 -30.13
CA GLY B 166 -4.39 -21.66 -31.55
C GLY B 166 -3.19 -22.56 -31.80
N ALA B 167 -2.87 -22.78 -33.07
CA ALA B 167 -1.74 -23.62 -33.46
C ALA B 167 -0.47 -22.81 -33.70
N GLY B 168 0.66 -23.34 -33.20
CA GLY B 168 1.94 -22.68 -33.36
C GLY B 168 2.03 -21.40 -32.55
N SER B 169 1.26 -21.36 -31.46
CA SER B 169 1.14 -20.17 -30.62
C SER B 169 2.50 -19.67 -30.16
N PRO B 170 2.58 -18.39 -29.82
CA PRO B 170 3.81 -17.78 -29.31
C PRO B 170 4.15 -18.30 -27.93
N ALA B 171 3.14 -18.77 -27.21
CA ALA B 171 3.31 -19.10 -25.80
C ALA B 171 4.23 -20.30 -25.56
N PRO B 172 5.08 -20.19 -24.54
CA PRO B 172 5.91 -21.31 -24.08
C PRO B 172 5.01 -22.41 -23.53
N LEU B 173 5.01 -23.58 -24.16
CA LEU B 173 4.15 -24.68 -23.74
C LEU B 173 4.96 -25.94 -23.47
N PRO B 174 4.51 -26.75 -22.49
CA PRO B 174 3.40 -26.45 -21.58
C PRO B 174 3.83 -25.51 -20.47
N ALA B 175 2.92 -24.68 -20.00
CA ALA B 175 3.22 -23.74 -18.92
C ALA B 175 3.39 -24.48 -17.60
N ASP B 176 4.14 -23.89 -16.68
CA ASP B 176 4.31 -24.46 -15.35
C ASP B 176 3.07 -24.25 -14.47
N ALA B 177 2.30 -23.21 -14.76
CA ALA B 177 1.11 -22.89 -13.96
C ALA B 177 0.06 -22.12 -14.75
N LEU B 178 -1.19 -22.19 -14.30
CA LEU B 178 -2.27 -21.40 -14.86
C LEU B 178 -2.96 -20.59 -13.78
N VAL B 179 -3.33 -19.35 -14.13
CA VAL B 179 -4.26 -18.55 -13.35
C VAL B 179 -5.47 -18.27 -14.24
N SER B 180 -6.65 -18.15 -13.65
CA SER B 180 -7.84 -17.81 -14.41
C SER B 180 -8.93 -17.32 -13.50
N ALA B 181 -9.31 -16.05 -13.67
CA ALA B 181 -10.28 -15.43 -12.78
C ALA B 181 -11.55 -15.02 -13.53
N PHE B 182 -12.67 -15.60 -13.11
CA PHE B 182 -13.97 -15.20 -13.61
C PHE B 182 -14.11 -15.31 -15.13
N CYS B 183 -13.50 -16.34 -15.70
CA CYS B 183 -13.57 -16.54 -17.14
C CYS B 183 -14.49 -17.69 -17.58
N LEU B 184 -14.14 -18.92 -17.20
CA LEU B 184 -14.87 -20.10 -17.68
C LEU B 184 -16.39 -20.00 -17.53
N GLU B 185 -16.87 -19.78 -16.32
CA GLU B 185 -18.30 -19.73 -16.06
C GLU B 185 -18.93 -18.53 -16.77
N ALA B 186 -18.14 -17.48 -16.95
CA ALA B 186 -18.66 -16.26 -17.55
C ALA B 186 -18.79 -16.38 -19.05
N VAL B 187 -18.27 -17.47 -19.63
CA VAL B 187 -18.30 -17.61 -21.09
C VAL B 187 -18.84 -18.97 -21.55
N SER B 188 -19.28 -19.78 -20.59
CA SER B 188 -19.85 -21.09 -20.89
C SER B 188 -21.36 -21.10 -20.70
N PRO B 189 -22.10 -21.34 -21.79
CA PRO B 189 -23.57 -21.32 -21.71
C PRO B 189 -24.10 -22.40 -20.75
N ASP B 190 -23.38 -23.50 -20.64
CA ASP B 190 -23.80 -24.57 -19.73
C ASP B 190 -22.63 -25.36 -19.13
N LEU B 191 -22.96 -26.24 -18.21
CA LEU B 191 -21.95 -27.00 -17.46
C LEU B 191 -21.03 -27.80 -18.36
N ALA B 192 -21.59 -28.49 -19.34
CA ALA B 192 -20.80 -29.28 -20.27
C ALA B 192 -19.79 -28.40 -21.01
N SER B 193 -20.22 -27.19 -21.37
CA SER B 193 -19.35 -26.22 -22.03
C SER B 193 -18.21 -25.85 -21.09
N PHE B 194 -18.60 -25.53 -19.86
CA PHE B 194 -17.67 -25.18 -18.81
C PHE B 194 -16.62 -26.27 -18.66
N GLN B 195 -17.09 -27.51 -18.55
CA GLN B 195 -16.21 -28.68 -18.40
C GLN B 195 -15.27 -28.80 -19.59
N ARG B 196 -15.82 -28.73 -20.79
CA ARG B 196 -14.99 -28.80 -21.99
C ARG B 196 -13.93 -27.71 -21.99
N ALA B 197 -14.32 -26.50 -21.58
CA ALA B 197 -13.39 -25.38 -21.55
C ALA B 197 -12.27 -25.67 -20.55
N LEU B 198 -12.65 -26.15 -19.37
CA LEU B 198 -11.65 -26.53 -18.37
C LEU B 198 -10.70 -27.56 -18.96
N ASP B 199 -11.23 -28.47 -19.77
CA ASP B 199 -10.43 -29.50 -20.42
C ASP B 199 -9.42 -28.88 -21.38
N HIS B 200 -9.87 -27.87 -22.13
CA HIS B 200 -9.03 -27.26 -23.14
C HIS B 200 -7.84 -26.52 -22.55
N ILE B 201 -8.08 -25.71 -21.53
CA ILE B 201 -6.98 -24.97 -20.90
C ILE B 201 -6.02 -25.92 -20.22
N THR B 202 -6.54 -27.06 -19.75
CA THR B 202 -5.70 -28.04 -19.07
C THR B 202 -4.61 -28.60 -19.99
N THR B 203 -4.89 -28.68 -21.28
CA THR B 203 -3.87 -29.15 -22.24
C THR B 203 -2.68 -28.20 -22.31
N LEU B 204 -2.85 -26.97 -21.83
CA LEU B 204 -1.78 -25.96 -21.83
C LEU B 204 -0.80 -26.14 -20.66
N LEU B 205 -1.20 -26.92 -19.67
CA LEU B 205 -0.46 -27.03 -18.42
C LEU B 205 0.35 -28.32 -18.34
N ARG B 206 1.57 -28.22 -17.83
CA ARG B 206 2.39 -29.42 -17.67
C ARG B 206 1.81 -30.29 -16.57
N PRO B 207 2.05 -31.60 -16.65
CA PRO B 207 1.66 -32.53 -15.58
C PRO B 207 2.43 -32.19 -14.30
N GLY B 208 1.73 -32.11 -13.18
CA GLY B 208 2.36 -31.71 -11.93
C GLY B 208 2.28 -30.20 -11.75
N GLY B 209 1.79 -29.51 -12.78
CA GLY B 209 1.62 -28.07 -12.71
C GLY B 209 0.39 -27.68 -11.91
N HIS B 210 0.27 -26.39 -11.62
CA HIS B 210 -0.83 -25.89 -10.79
C HIS B 210 -1.75 -24.93 -11.53
N LEU B 211 -3.03 -25.01 -11.19
CA LEU B 211 -4.04 -24.07 -11.67
C LEU B 211 -4.71 -23.35 -10.52
N LEU B 212 -4.74 -22.02 -10.58
CA LEU B 212 -5.46 -21.24 -9.57
C LEU B 212 -6.70 -20.68 -10.23
N LEU B 213 -7.86 -21.16 -9.81
CA LEU B 213 -9.12 -20.81 -10.44
C LEU B 213 -9.97 -19.99 -9.48
N ILE B 214 -10.38 -18.81 -9.93
CA ILE B 214 -11.29 -17.96 -9.18
C ILE B 214 -12.54 -17.74 -10.01
N GLY B 215 -13.71 -17.77 -9.39
CA GLY B 215 -14.92 -17.53 -10.15
C GLY B 215 -16.17 -17.24 -9.35
N ALA B 216 -17.24 -16.90 -10.06
CA ALA B 216 -18.54 -16.62 -9.47
C ALA B 216 -19.29 -17.91 -9.13
N LEU B 217 -20.04 -17.88 -8.03
CA LEU B 217 -20.88 -19.00 -7.64
C LEU B 217 -22.35 -18.65 -7.79
N GLU B 218 -23.12 -19.56 -8.38
CA GLU B 218 -24.54 -19.36 -8.61
C GLU B 218 -24.90 -18.02 -9.24
N GLU B 219 -24.14 -17.62 -10.26
CA GLU B 219 -24.45 -16.42 -11.01
C GLU B 219 -24.98 -16.77 -12.40
N SER B 220 -26.03 -16.06 -12.83
CA SER B 220 -26.63 -16.34 -14.14
C SER B 220 -26.50 -15.15 -15.11
N TRP B 221 -26.15 -13.98 -14.58
CA TRP B 221 -25.88 -12.81 -15.43
C TRP B 221 -25.01 -11.76 -14.73
N TYR B 222 -24.28 -10.98 -15.53
CA TYR B 222 -23.58 -9.80 -15.03
C TYR B 222 -23.56 -8.72 -16.11
N LEU B 223 -23.32 -7.48 -15.70
CA LEU B 223 -23.36 -6.35 -16.62
C LEU B 223 -21.97 -5.83 -16.95
N ALA B 224 -21.77 -5.45 -18.21
CA ALA B 224 -20.52 -4.81 -18.61
C ALA B 224 -20.83 -3.68 -19.59
N GLY B 225 -21.61 -2.70 -19.13
CA GLY B 225 -22.03 -1.61 -19.97
C GLY B 225 -23.35 -1.91 -20.65
N GLU B 226 -23.37 -1.83 -21.99
CA GLU B 226 -24.55 -2.21 -22.76
C GLU B 226 -24.71 -3.71 -22.65
N ALA B 227 -23.59 -4.41 -22.73
CA ALA B 227 -23.55 -5.87 -22.71
C ALA B 227 -24.03 -6.43 -21.38
N ARG B 228 -25.12 -7.20 -21.44
CA ARG B 228 -25.58 -8.00 -20.31
C ARG B 228 -25.42 -9.48 -20.65
N LEU B 229 -24.44 -10.13 -20.02
CA LEU B 229 -24.03 -11.48 -20.41
C LEU B 229 -24.67 -12.58 -19.58
N THR B 230 -25.03 -13.67 -20.25
CA THR B 230 -25.62 -14.82 -19.58
C THR B 230 -24.53 -15.78 -19.13
N VAL B 231 -24.47 -15.99 -17.82
CA VAL B 231 -23.45 -16.82 -17.20
C VAL B 231 -24.07 -18.14 -16.78
N VAL B 232 -23.34 -19.24 -16.90
CA VAL B 232 -23.80 -20.49 -16.29
C VAL B 232 -23.54 -20.46 -14.78
N PRO B 233 -24.62 -20.55 -14.00
CA PRO B 233 -24.49 -20.61 -12.54
C PRO B 233 -23.88 -21.95 -12.14
N VAL B 234 -22.79 -21.93 -11.36
CA VAL B 234 -22.18 -23.17 -10.86
C VAL B 234 -22.08 -23.15 -9.35
N SER B 235 -21.98 -24.32 -8.76
CA SER B 235 -21.81 -24.45 -7.33
C SER B 235 -20.38 -24.90 -7.05
N GLU B 236 -19.99 -24.89 -5.77
CA GLU B 236 -18.66 -25.35 -5.41
C GLU B 236 -18.45 -26.80 -5.81
N GLU B 237 -19.47 -27.62 -5.58
CA GLU B 237 -19.38 -29.04 -5.84
C GLU B 237 -19.27 -29.36 -7.34
N GLU B 238 -20.04 -28.64 -8.14
CA GLU B 238 -19.92 -28.73 -9.60
C GLU B 238 -18.51 -28.33 -10.04
N VAL B 239 -17.96 -27.31 -9.39
CA VAL B 239 -16.59 -26.88 -9.67
C VAL B 239 -15.57 -27.96 -9.31
N ARG B 240 -15.72 -28.52 -8.12
CA ARG B 240 -14.83 -29.58 -7.71
C ARG B 240 -14.84 -30.77 -8.68
N GLU B 241 -16.04 -31.22 -9.04
CA GLU B 241 -16.14 -32.42 -9.85
C GLU B 241 -15.50 -32.17 -11.21
N ALA B 242 -15.66 -30.96 -11.73
CA ALA B 242 -15.09 -30.60 -13.02
C ALA B 242 -13.58 -30.70 -12.94
N LEU B 243 -13.01 -30.18 -11.86
CA LEU B 243 -11.55 -30.26 -11.67
C LEU B 243 -11.06 -31.70 -11.64
N VAL B 244 -11.78 -32.54 -10.91
CA VAL B 244 -11.48 -33.97 -10.85
C VAL B 244 -11.62 -34.58 -12.25
N ARG B 245 -12.72 -34.27 -12.91
CA ARG B 245 -13.01 -34.76 -14.26
C ARG B 245 -11.89 -34.43 -15.25
N SER B 246 -11.16 -33.35 -15.01
CA SER B 246 -10.12 -32.90 -15.94
C SER B 246 -8.73 -33.44 -15.64
N GLY B 247 -8.58 -34.08 -14.48
CA GLY B 247 -7.31 -34.68 -14.12
C GLY B 247 -6.51 -33.91 -13.07
N TYR B 248 -7.23 -33.23 -12.18
CA TYR B 248 -6.58 -32.45 -11.13
C TYR B 248 -6.80 -33.08 -9.77
N LYS B 249 -5.85 -32.89 -8.87
CA LYS B 249 -6.12 -33.07 -7.45
C LYS B 249 -6.42 -31.70 -6.87
N VAL B 250 -7.53 -31.60 -6.17
CA VAL B 250 -7.91 -30.35 -5.54
C VAL B 250 -7.18 -30.19 -4.22
N ARG B 251 -6.34 -29.17 -4.14
CA ARG B 251 -5.56 -28.93 -2.94
C ARG B 251 -6.29 -27.96 -2.03
N ASP B 252 -7.15 -27.14 -2.63
CA ASP B 252 -7.83 -26.10 -1.88
C ASP B 252 -9.02 -25.58 -2.66
N LEU B 253 -10.17 -25.51 -2.00
CA LEU B 253 -11.36 -24.92 -2.62
C LEU B 253 -12.13 -24.15 -1.55
N ARG B 254 -12.01 -22.83 -1.57
CA ARG B 254 -12.69 -22.02 -0.57
C ARG B 254 -13.77 -21.14 -1.17
N THR B 255 -14.73 -20.77 -0.34
CA THR B 255 -15.90 -20.04 -0.79
C THR B 255 -16.09 -18.78 0.00
N TYR B 256 -16.38 -17.71 -0.72
CA TYR B 256 -16.71 -16.43 -0.12
C TYR B 256 -18.17 -16.15 -0.43
N ILE B 257 -18.96 -15.91 0.60
CA ILE B 257 -20.36 -15.57 0.38
C ILE B 257 -20.49 -14.06 0.25
N MET B 258 -20.97 -13.61 -0.89
CA MET B 258 -21.12 -12.18 -1.16
C MET B 258 -22.05 -11.51 -0.15
N PRO B 259 -21.55 -10.50 0.57
CA PRO B 259 -22.36 -9.71 1.51
C PRO B 259 -23.51 -8.99 0.81
N ALA B 260 -24.65 -8.88 1.49
CA ALA B 260 -25.80 -8.20 0.92
C ALA B 260 -25.46 -6.80 0.44
N HIS B 261 -24.61 -6.10 1.20
CA HIS B 261 -24.25 -4.73 0.85
C HIS B 261 -23.41 -4.65 -0.42
N LEU B 262 -22.84 -5.78 -0.83
CA LEU B 262 -22.06 -5.80 -2.06
C LEU B 262 -22.85 -6.37 -3.24
N GLN B 263 -24.10 -6.75 -3.01
CA GLN B 263 -24.94 -7.18 -4.11
C GLN B 263 -25.62 -5.96 -4.75
N THR B 264 -24.97 -5.41 -5.76
CA THR B 264 -25.26 -4.06 -6.26
C THR B 264 -26.13 -3.96 -7.51
N GLY B 265 -26.57 -5.09 -8.05
CA GLY B 265 -27.37 -5.04 -9.27
C GLY B 265 -26.52 -5.01 -10.52
N VAL B 266 -25.23 -5.24 -10.37
CA VAL B 266 -24.33 -5.40 -11.51
C VAL B 266 -24.23 -6.86 -11.92
N ASP B 267 -24.75 -7.75 -11.07
CA ASP B 267 -24.85 -9.18 -11.37
C ASP B 267 -25.76 -9.86 -10.35
N ASP B 268 -25.90 -11.18 -10.44
CA ASP B 268 -26.65 -11.91 -9.42
C ASP B 268 -25.77 -12.95 -8.72
N VAL B 269 -24.50 -12.63 -8.56
CA VAL B 269 -23.54 -13.52 -7.91
C VAL B 269 -23.92 -13.77 -6.44
N LYS B 270 -23.83 -15.02 -6.01
CA LYS B 270 -24.13 -15.38 -4.62
C LYS B 270 -22.84 -15.52 -3.81
N GLY B 271 -21.75 -15.77 -4.51
CA GLY B 271 -20.47 -15.92 -3.86
C GLY B 271 -19.36 -16.11 -4.88
N VAL B 272 -18.16 -16.35 -4.36
CA VAL B 272 -16.96 -16.50 -5.18
C VAL B 272 -16.20 -17.72 -4.70
N PHE B 273 -15.62 -18.47 -5.64
CA PHE B 273 -14.83 -19.64 -5.29
C PHE B 273 -13.37 -19.44 -5.64
N PHE B 274 -12.50 -20.06 -4.85
CA PHE B 274 -11.10 -20.09 -5.16
C PHE B 274 -10.62 -21.52 -5.08
N ALA B 275 -10.08 -22.01 -6.19
CA ALA B 275 -9.59 -23.37 -6.24
C ALA B 275 -8.10 -23.39 -6.49
N TRP B 276 -7.40 -24.20 -5.69
CA TRP B 276 -6.01 -24.52 -5.92
C TRP B 276 -5.93 -25.98 -6.34
N ALA B 277 -5.63 -26.21 -7.61
CA ALA B 277 -5.63 -27.56 -8.16
C ALA B 277 -4.30 -27.88 -8.81
N GLN B 278 -3.84 -29.11 -8.63
CA GLN B 278 -2.60 -29.58 -9.24
C GLN B 278 -2.91 -30.66 -10.26
N LYS B 279 -2.49 -30.44 -11.51
CA LYS B 279 -2.72 -31.41 -12.58
C LYS B 279 -1.94 -32.69 -12.35
N VAL B 280 -2.66 -33.82 -12.37
CA VAL B 280 -2.06 -35.13 -12.13
C VAL B 280 -1.01 -35.50 -13.17
N GLY B 281 0.13 -35.98 -12.67
CA GLY B 281 1.22 -36.43 -13.53
C GLY B 281 2.46 -36.75 -12.72
N SAH C . 8.94 18.22 12.39
CA SAH C . 9.38 18.59 11.05
CB SAH C . 10.58 19.54 11.23
CG SAH C . 10.26 20.90 10.63
SD SAH C . 11.83 21.81 10.45
C SAH C . 9.86 17.32 10.34
O SAH C . 10.03 16.33 10.97
OXT SAH C . 10.46 17.43 9.08
C5' SAH C . 12.14 22.76 11.96
C4' SAH C . 10.82 23.36 12.49
O4' SAH C . 11.05 24.13 13.71
C3' SAH C . 10.20 24.32 11.49
O3' SAH C . 8.86 23.94 11.22
C2' SAH C . 10.25 25.65 12.19
O2' SAH C . 9.23 26.51 11.77
C1' SAH C . 10.08 25.23 13.65
N9 SAH C . 10.60 26.30 14.48
C8 SAH C . 11.48 27.41 14.04
N7 SAH C . 11.81 28.21 15.21
C5 SAH C . 11.14 27.62 16.37
C6 SAH C . 11.10 28.01 17.83
N6 SAH C . 11.85 29.18 18.29
N1 SAH C . 10.34 27.21 18.78
C2 SAH C . 9.59 26.00 18.31
N3 SAH C . 9.62 25.61 16.86
C4 SAH C . 10.39 26.43 15.92
N9 ADE D . 14.93 16.22 7.43
C8 ADE D . 14.08 17.13 7.99
N7 ADE D . 14.82 18.22 8.40
C5 ADE D . 16.11 17.98 8.09
C6 ADE D . 17.27 18.74 8.28
N6 ADE D . 17.21 20.04 8.95
N1 ADE D . 18.45 18.24 7.87
C2 ADE D . 18.53 17.00 7.26
N3 ADE D . 17.38 16.25 7.08
C4 ADE D . 16.18 16.74 7.49
N SAH E . -9.86 -12.22 -15.49
CA SAH E . -10.56 -10.94 -15.37
CB SAH E . -11.70 -10.80 -16.42
CG SAH E . -12.99 -11.56 -16.07
SD SAH E . -14.31 -11.19 -17.29
C SAH E . -11.05 -10.75 -13.94
O SAH E . -10.50 -11.33 -13.05
OXT SAH E . -11.88 -9.67 -13.64
C5' SAH E . -14.53 -12.62 -18.38
C4' SAH E . -13.54 -12.53 -19.55
O4' SAH E . -13.62 -13.67 -20.44
C3' SAH E . -13.74 -11.28 -20.41
O3' SAH E . -12.53 -10.55 -20.39
C2' SAH E . -13.97 -11.86 -21.78
O2' SAH E . -13.52 -11.04 -22.83
C1' SAH E . -13.19 -13.16 -21.74
N9 SAH E . -13.75 -14.06 -22.73
C8 SAH E . -15.03 -13.87 -23.45
N7 SAH E . -15.23 -15.03 -24.31
C5 SAH E . -14.08 -15.93 -24.14
C6 SAH E . -13.75 -17.26 -24.75
N6 SAH E . -14.66 -17.87 -25.73
N1 SAH E . -12.53 -17.94 -24.37
C2 SAH E . -11.59 -17.31 -23.37
N3 SAH E . -11.92 -16.00 -22.76
C4 SAH E . -13.18 -15.32 -23.14
N9 ADE F . -16.02 -10.16 -10.36
C8 ADE F . -15.38 -10.08 -11.55
N7 ADE F . -16.22 -10.58 -12.51
C5 ADE F . -17.37 -10.96 -11.90
C6 ADE F . -18.55 -11.52 -12.40
N6 ADE F . -18.71 -11.81 -13.83
N1 ADE F . -19.56 -11.81 -11.55
C2 ADE F . -19.43 -11.55 -10.21
N3 ADE F . -18.27 -10.99 -9.72
C4 ADE F . -17.25 -10.70 -10.57
#